data_4Q6T
#
_entry.id   4Q6T
#
_cell.length_a   52.022
_cell.length_b   57.327
_cell.length_c   110.797
_cell.angle_alpha   90.00
_cell.angle_beta   90.00
_cell.angle_gamma   90.00
#
_symmetry.space_group_name_H-M   'P 21 21 21'
#
loop_
_entity.id
_entity.type
_entity.pdbx_description
1 polymer 'Glycosyl hydrolase, family 18'
2 non-polymer 'NICKEL (II) ION'
3 non-polymer GLYCEROL
4 non-polymer 'CHLORIDE ION'
5 non-polymer 'CADMIUM ION'
6 water water
#
_entity_poly.entity_id   1
_entity_poly.type   'polypeptide(L)'
_entity_poly.pdbx_seq_one_letter_code
;SNAAPFVLAYTDGQVEASYSNLQAFHRNLSAVGLGSTYGLTVTGKLRQDG(MSE)NETTQNIIRFAKSQSLPLYPTVSDY
NEDIGAFDPAISHSILNDRALSAGTVKQLVKLAKEGGFAGINLDFEKVEPRNRAAFCAFVKTLGNALHASNKKLIISIPP
KLSDTEPEYLQGYDYKALGAAVDYFQV(MSE)TYDQVGPGWSSGGFHNEAWPGPESGFDWQQALLSYAVSRVPASKVLAG
LPTYGQDYSIGNRVHWSAYQEIIAEHRAAIHRDAASATPYATWGPVKSFVDGVEWTPERAQPVLWYDDAASIKTKTALVT
RLGLGGTSVWA(MSE)GYENAGFWAALQSGLKASNELLPTGRE
;
_entity_poly.pdbx_strand_id   A
#
loop_
_chem_comp.id
_chem_comp.type
_chem_comp.name
_chem_comp.formula
CD non-polymer 'CADMIUM ION' 'Cd 2'
CL non-polymer 'CHLORIDE ION' 'Cl -1'
GOL non-polymer GLYCEROL 'C3 H8 O3'
NI non-polymer 'NICKEL (II) ION' 'Ni 2'
#
# COMPACT_ATOMS: atom_id res chain seq x y z
N ALA A 4 -14.03 12.84 -10.95
CA ALA A 4 -13.25 13.20 -9.77
C ALA A 4 -12.41 12.02 -9.29
N PRO A 5 -11.13 12.28 -8.98
CA PRO A 5 -10.25 11.16 -8.59
C PRO A 5 -10.69 10.52 -7.28
N PHE A 6 -10.59 9.20 -7.23
CA PHE A 6 -10.88 8.46 -6.02
C PHE A 6 -9.60 8.42 -5.19
N VAL A 7 -9.63 9.07 -4.04
CA VAL A 7 -8.45 9.17 -3.19
C VAL A 7 -8.65 8.33 -1.94
N LEU A 8 -7.85 7.27 -1.82
CA LEU A 8 -7.99 6.33 -0.71
C LEU A 8 -6.82 6.46 0.25
N ALA A 9 -7.08 6.79 1.51
CA ALA A 9 -6.02 6.79 2.52
C ALA A 9 -6.13 5.60 3.44
N TYR A 10 -5.04 4.87 3.62
CA TYR A 10 -4.99 3.82 4.62
C TYR A 10 -4.53 4.41 5.95
N THR A 11 -5.34 4.28 6.98
CA THR A 11 -4.91 4.70 8.30
C THR A 11 -4.06 3.60 8.94
N ASP A 12 -2.89 3.98 9.47
CA ASP A 12 -2.13 3.03 10.28
C ASP A 12 -2.64 3.15 11.70
N GLY A 13 -3.54 2.24 12.07
CA GLY A 13 -4.17 2.28 13.37
C GLY A 13 -3.22 2.14 14.54
N GLN A 14 -1.99 1.69 14.28
CA GLN A 14 -1.01 1.53 15.35
C GLN A 14 -0.27 2.81 15.70
N VAL A 15 -0.55 3.90 14.97
CA VAL A 15 0.00 5.20 15.34
C VAL A 15 -1.16 6.15 15.66
N GLU A 16 -1.04 6.84 16.78
CA GLU A 16 -2.13 7.69 17.24
C GLU A 16 -2.45 8.82 16.26
N ALA A 17 -1.43 9.29 15.54
CA ALA A 17 -1.61 10.40 14.62
C ALA A 17 -2.53 10.05 13.43
N SER A 18 -2.80 8.78 13.19
CA SER A 18 -3.73 8.43 12.12
C SER A 18 -5.10 9.07 12.34
N TYR A 19 -5.54 9.09 13.60
CA TYR A 19 -6.83 9.69 13.94
C TYR A 19 -6.77 11.21 13.92
N SER A 20 -5.79 11.81 14.59
CA SER A 20 -5.63 13.26 14.59
CA SER A 20 -5.70 13.26 14.58
C SER A 20 -5.50 13.80 13.15
N ASN A 21 -4.75 13.09 12.33
CA ASN A 21 -4.58 13.50 10.93
C ASN A 21 -5.88 13.42 10.15
N LEU A 22 -6.65 12.35 10.36
CA LEU A 22 -7.93 12.23 9.70
C LEU A 22 -8.84 13.43 10.02
N GLN A 23 -8.83 13.86 11.28
CA GLN A 23 -9.66 14.99 11.69
C GLN A 23 -9.35 16.24 10.86
N ALA A 24 -8.08 16.40 10.48
CA ALA A 24 -7.63 17.54 9.71
C ALA A 24 -7.73 17.37 8.19
N PHE A 25 -7.52 16.14 7.71
CA PHE A 25 -7.26 15.93 6.29
C PHE A 25 -8.37 15.18 5.56
N HIS A 26 -9.47 14.90 6.26
CA HIS A 26 -10.53 14.06 5.71
C HIS A 26 -11.10 14.56 4.37
N ARG A 27 -11.14 15.88 4.15
CA ARG A 27 -11.74 16.43 2.94
C ARG A 27 -10.96 16.05 1.68
N ASN A 28 -9.71 15.65 1.86
CA ASN A 28 -8.91 15.16 0.74
C ASN A 28 -9.35 13.80 0.23
N LEU A 29 -10.15 13.10 1.02
CA LEU A 29 -10.36 11.67 0.81
C LEU A 29 -11.71 11.30 0.19
N SER A 30 -11.69 10.24 -0.60
CA SER A 30 -12.91 9.61 -1.06
C SER A 30 -13.31 8.47 -0.14
N ALA A 31 -12.31 7.89 0.53
CA ALA A 31 -12.53 6.72 1.36
C ALA A 31 -11.33 6.51 2.28
N VAL A 32 -11.56 5.80 3.38
CA VAL A 32 -10.51 5.38 4.30
C VAL A 32 -10.40 3.85 4.31
N GLY A 33 -9.17 3.35 4.15
CA GLY A 33 -8.88 1.94 4.35
C GLY A 33 -8.35 1.77 5.76
N LEU A 34 -9.01 0.93 6.55
CA LEU A 34 -8.64 0.79 7.96
C LEU A 34 -7.49 -0.19 8.05
N GLY A 35 -6.29 0.33 8.23
CA GLY A 35 -5.10 -0.48 8.20
C GLY A 35 -4.60 -0.94 9.56
N SER A 36 -3.73 -1.95 9.51
CA SER A 36 -3.07 -2.52 10.69
C SER A 36 -4.04 -2.99 11.75
N THR A 37 -5.17 -3.54 11.30
CA THR A 37 -6.25 -3.89 12.21
C THR A 37 -6.79 -5.29 12.00
N TYR A 38 -7.10 -5.62 10.74
CA TYR A 38 -7.81 -6.83 10.38
C TYR A 38 -6.93 -7.82 9.63
N GLY A 39 -7.12 -9.11 9.93
CA GLY A 39 -6.39 -10.14 9.21
C GLY A 39 -7.15 -11.44 9.15
N LEU A 40 -6.71 -12.32 8.27
CA LEU A 40 -7.22 -13.69 8.19
C LEU A 40 -6.12 -14.64 8.63
N THR A 41 -6.50 -15.74 9.27
CA THR A 41 -5.51 -16.69 9.78
C THR A 41 -5.46 -17.94 8.93
N VAL A 42 -4.44 -18.75 9.17
CA VAL A 42 -4.26 -20.00 8.44
C VAL A 42 -5.47 -20.92 8.66
N THR A 43 -6.15 -20.74 9.80
CA THR A 43 -7.33 -21.53 10.12
C THR A 43 -8.62 -20.92 9.58
N GLY A 44 -8.49 -19.87 8.76
CA GLY A 44 -9.65 -19.26 8.12
C GLY A 44 -10.49 -18.36 9.01
N LYS A 45 -9.90 -17.84 10.09
CA LYS A 45 -10.61 -16.95 11.00
CA LYS A 45 -10.62 -16.95 11.00
C LYS A 45 -10.33 -15.49 10.67
N LEU A 46 -11.38 -14.69 10.61
CA LEU A 46 -11.23 -13.24 10.47
C LEU A 46 -10.99 -12.66 11.86
N ARG A 47 -9.90 -11.90 12.01
CA ARG A 47 -9.52 -11.33 13.30
C ARG A 47 -9.45 -9.82 13.16
N GLN A 48 -9.64 -9.13 14.29
CA GLN A 48 -9.38 -7.70 14.36
C GLN A 48 -8.50 -7.42 15.57
N ASP A 49 -7.44 -8.20 15.68
CA ASP A 49 -6.60 -8.13 16.86
C ASP A 49 -5.80 -6.84 16.95
N GLY A 50 -5.71 -6.11 15.85
CA GLY A 50 -5.07 -4.80 15.86
C GLY A 50 -6.00 -3.68 16.31
N MSE A 51 -7.28 -4.00 16.52
CA MSE A 51 -8.27 -2.98 16.91
C MSE A 51 -7.85 -2.29 18.21
O MSE A 51 -7.38 -2.92 19.15
CB MSE A 51 -9.66 -3.59 17.08
CG MSE A 51 -10.77 -2.58 17.41
SE MSE A 51 -11.03 -1.19 16.04
CE MSE A 51 -11.84 -2.31 14.66
N ASN A 52 -8.00 -0.97 18.23
CA ASN A 52 -7.73 -0.18 19.42
C ASN A 52 -8.60 1.07 19.38
N GLU A 53 -8.45 1.94 20.37
CA GLU A 53 -9.32 3.11 20.43
C GLU A 53 -9.05 4.10 19.31
N THR A 54 -7.82 4.14 18.81
CA THR A 54 -7.49 4.98 17.68
C THR A 54 -8.38 4.64 16.48
N THR A 55 -8.45 3.35 16.16
CA THR A 55 -9.25 2.94 15.01
C THR A 55 -10.75 3.03 15.29
N GLN A 56 -11.17 2.78 16.53
CA GLN A 56 -12.59 2.97 16.87
C GLN A 56 -12.97 4.44 16.65
N ASN A 57 -12.07 5.35 17.00
CA ASN A 57 -12.30 6.78 16.81
C ASN A 57 -12.31 7.17 15.33
N ILE A 58 -11.42 6.56 14.55
CA ILE A 58 -11.41 6.78 13.10
C ILE A 58 -12.74 6.36 12.49
N ILE A 59 -13.23 5.21 12.92
CA ILE A 59 -14.50 4.70 12.40
C ILE A 59 -15.64 5.67 12.71
N ARG A 60 -15.72 6.09 13.97
CA ARG A 60 -16.78 7.02 14.36
C ARG A 60 -16.67 8.34 13.60
N PHE A 61 -15.45 8.84 13.44
CA PHE A 61 -15.28 10.13 12.77
C PHE A 61 -15.67 10.02 11.30
N ALA A 62 -15.19 8.98 10.63
CA ALA A 62 -15.50 8.80 9.21
C ALA A 62 -17.01 8.70 9.01
N LYS A 63 -17.68 7.93 9.86
CA LYS A 63 -19.13 7.83 9.78
C LYS A 63 -19.80 9.21 9.92
N SER A 64 -19.29 10.02 10.85
CA SER A 64 -19.86 11.35 11.09
C SER A 64 -19.73 12.28 9.89
N GLN A 65 -18.75 11.98 9.02
CA GLN A 65 -18.50 12.77 7.83
C GLN A 65 -19.02 12.09 6.56
N SER A 66 -19.73 10.97 6.72
CA SER A 66 -20.22 10.19 5.59
C SER A 66 -19.07 9.78 4.66
N LEU A 67 -17.94 9.43 5.26
CA LEU A 67 -16.76 9.05 4.51
C LEU A 67 -16.66 7.53 4.48
N PRO A 68 -16.76 6.92 3.29
CA PRO A 68 -16.71 5.46 3.16
C PRO A 68 -15.52 4.80 3.83
N LEU A 69 -15.78 3.66 4.48
CA LEU A 69 -14.77 2.91 5.22
C LEU A 69 -14.58 1.52 4.65
N TYR A 70 -13.32 1.09 4.54
CA TYR A 70 -13.00 -0.25 4.08
C TYR A 70 -12.01 -0.93 5.03
N PRO A 71 -12.48 -1.92 5.82
CA PRO A 71 -11.50 -2.75 6.53
C PRO A 71 -10.49 -3.34 5.56
N THR A 72 -9.20 -3.20 5.88
CA THR A 72 -8.16 -3.73 5.02
C THR A 72 -7.67 -5.05 5.61
N VAL A 73 -8.13 -6.15 5.01
CA VAL A 73 -7.99 -7.47 5.61
C VAL A 73 -6.81 -8.17 4.96
N SER A 74 -5.77 -8.42 5.75
CA SER A 74 -4.46 -8.85 5.24
CA SER A 74 -4.51 -8.89 5.17
C SER A 74 -4.11 -10.31 5.54
N ASP A 75 -3.12 -10.82 4.80
CA ASP A 75 -2.48 -12.08 5.17
C ASP A 75 -1.21 -11.78 6.00
N TYR A 76 -1.32 -10.77 6.86
CA TYR A 76 -0.28 -10.46 7.84
C TYR A 76 -0.51 -11.28 9.09
N ASN A 77 0.52 -12.03 9.49
CA ASN A 77 0.46 -12.96 10.62
C ASN A 77 0.96 -12.22 11.84
N GLU A 78 0.05 -11.93 12.76
CA GLU A 78 0.38 -11.16 13.95
C GLU A 78 1.32 -11.90 14.92
N ASP A 79 1.35 -13.23 14.85
CA ASP A 79 2.20 -14.00 15.75
C ASP A 79 3.67 -13.73 15.45
N ILE A 80 3.99 -13.55 14.18
CA ILE A 80 5.36 -13.36 13.75
C ILE A 80 5.67 -11.96 13.18
N GLY A 81 4.64 -11.12 13.08
CA GLY A 81 4.84 -9.77 12.55
C GLY A 81 5.29 -9.74 11.09
N ALA A 82 4.66 -10.56 10.26
CA ALA A 82 5.06 -10.64 8.87
C ALA A 82 3.92 -11.17 8.01
N PHE A 83 3.91 -10.75 6.75
CA PHE A 83 3.01 -11.34 5.76
C PHE A 83 3.44 -12.77 5.49
N ASP A 84 2.46 -13.66 5.39
CA ASP A 84 2.71 -15.09 5.45
C ASP A 84 1.97 -15.84 4.34
N PRO A 85 2.72 -16.48 3.42
CA PRO A 85 2.06 -17.22 2.33
C PRO A 85 1.20 -18.39 2.83
N ALA A 86 1.43 -18.87 4.05
CA ALA A 86 0.68 -20.01 4.57
C ALA A 86 -0.81 -19.68 4.68
N ILE A 87 -1.13 -18.41 4.89
CA ILE A 87 -2.52 -18.01 5.06
C ILE A 87 -3.32 -18.21 3.77
N SER A 88 -2.88 -17.59 2.67
CA SER A 88 -3.56 -17.80 1.40
C SER A 88 -3.48 -19.25 0.94
N HIS A 89 -2.35 -19.90 1.18
CA HIS A 89 -2.22 -21.28 0.74
C HIS A 89 -3.25 -22.19 1.39
N SER A 90 -3.53 -21.92 2.66
CA SER A 90 -4.53 -22.69 3.39
C SER A 90 -5.96 -22.34 2.94
N ILE A 91 -6.31 -21.07 3.01
CA ILE A 91 -7.68 -20.65 2.74
C ILE A 91 -8.12 -20.92 1.30
N LEU A 92 -7.26 -20.61 0.34
CA LEU A 92 -7.64 -20.69 -1.07
C LEU A 92 -7.89 -22.11 -1.54
N ASN A 93 -7.26 -23.08 -0.87
CA ASN A 93 -7.29 -24.46 -1.32
C ASN A 93 -8.20 -25.36 -0.50
N ASP A 94 -8.99 -24.75 0.37
CA ASP A 94 -9.94 -25.49 1.19
C ASP A 94 -11.32 -24.89 0.97
N ARG A 95 -12.24 -25.70 0.44
CA ARG A 95 -13.58 -25.23 0.10
C ARG A 95 -14.29 -24.59 1.29
N ALA A 96 -14.25 -25.25 2.44
CA ALA A 96 -14.90 -24.75 3.64
C ALA A 96 -14.26 -23.46 4.16
N LEU A 97 -12.93 -23.41 4.18
CA LEU A 97 -12.25 -22.22 4.66
C LEU A 97 -12.49 -21.04 3.73
N SER A 98 -12.52 -21.29 2.43
CA SER A 98 -12.80 -20.22 1.47
CA SER A 98 -12.81 -20.22 1.46
C SER A 98 -14.21 -19.66 1.66
N ALA A 99 -15.20 -20.55 1.71
CA ALA A 99 -16.58 -20.13 1.90
C ALA A 99 -16.77 -19.38 3.21
N GLY A 100 -16.17 -19.90 4.28
CA GLY A 100 -16.29 -19.29 5.59
C GLY A 100 -15.62 -17.93 5.67
N THR A 101 -14.54 -17.77 4.90
CA THR A 101 -13.85 -16.49 4.84
C THR A 101 -14.73 -15.44 4.17
N VAL A 102 -15.34 -15.82 3.06
CA VAL A 102 -16.25 -14.91 2.35
C VAL A 102 -17.41 -14.48 3.27
N LYS A 103 -18.04 -15.43 3.95
CA LYS A 103 -19.15 -15.07 4.82
C LYS A 103 -18.72 -14.14 5.97
N GLN A 104 -17.56 -14.40 6.55
CA GLN A 104 -17.05 -13.53 7.61
C GLN A 104 -16.82 -12.11 7.13
N LEU A 105 -16.31 -11.99 5.91
CA LEU A 105 -16.01 -10.68 5.33
C LEU A 105 -17.29 -9.90 5.02
N VAL A 106 -18.29 -10.60 4.50
CA VAL A 106 -19.59 -9.96 4.25
C VAL A 106 -20.24 -9.55 5.58
N LYS A 107 -20.18 -10.42 6.58
CA LYS A 107 -20.72 -10.11 7.91
C LYS A 107 -20.05 -8.86 8.47
N LEU A 108 -18.72 -8.78 8.39
CA LEU A 108 -17.99 -7.61 8.85
C LEU A 108 -18.48 -6.33 8.15
N ALA A 109 -18.59 -6.38 6.83
CA ALA A 109 -19.01 -5.18 6.08
C ALA A 109 -20.42 -4.76 6.43
N LYS A 110 -21.33 -5.72 6.55
CA LYS A 110 -22.72 -5.42 6.88
C LYS A 110 -22.88 -4.92 8.32
N GLU A 111 -22.36 -5.69 9.27
CA GLU A 111 -22.56 -5.34 10.68
C GLU A 111 -21.80 -4.08 11.09
N GLY A 112 -20.67 -3.83 10.44
CA GLY A 112 -19.85 -2.67 10.76
C GLY A 112 -20.29 -1.39 10.07
N GLY A 113 -21.24 -1.49 9.15
CA GLY A 113 -21.68 -0.33 8.39
C GLY A 113 -20.58 0.21 7.50
N PHE A 114 -19.77 -0.69 6.96
CA PHE A 114 -18.66 -0.32 6.09
C PHE A 114 -19.07 -0.33 4.63
N ALA A 115 -18.31 0.39 3.80
CA ALA A 115 -18.61 0.50 2.38
C ALA A 115 -18.27 -0.78 1.63
N GLY A 116 -17.35 -1.56 2.21
CA GLY A 116 -16.91 -2.77 1.58
C GLY A 116 -15.67 -3.30 2.28
N ILE A 117 -14.90 -4.11 1.56
CA ILE A 117 -13.69 -4.74 2.07
C ILE A 117 -12.55 -4.40 1.13
N ASN A 118 -11.38 -4.12 1.69
CA ASN A 118 -10.14 -4.02 0.92
C ASN A 118 -9.35 -5.29 1.22
N LEU A 119 -9.33 -6.22 0.26
CA LEU A 119 -8.55 -7.43 0.40
C LEU A 119 -7.07 -7.11 0.20
N ASP A 120 -6.23 -7.56 1.11
CA ASP A 120 -4.81 -7.26 1.09
C ASP A 120 -4.00 -8.53 1.29
N PHE A 121 -4.12 -9.45 0.33
CA PHE A 121 -3.32 -10.67 0.37
C PHE A 121 -2.06 -10.41 -0.45
N GLU A 122 -0.94 -10.31 0.24
CA GLU A 122 0.31 -9.91 -0.40
C GLU A 122 1.22 -11.08 -0.70
N LYS A 123 0.86 -12.27 -0.22
CA LYS A 123 1.75 -13.43 -0.34
C LYS A 123 1.11 -14.60 -1.08
N VAL A 124 0.18 -14.30 -2.00
CA VAL A 124 -0.33 -15.34 -2.87
C VAL A 124 0.80 -15.83 -3.76
N GLU A 125 0.97 -17.14 -3.83
CA GLU A 125 2.05 -17.78 -4.60
C GLU A 125 1.58 -18.19 -5.98
N PRO A 126 2.51 -18.31 -6.94
CA PRO A 126 2.09 -18.68 -8.31
C PRO A 126 1.31 -19.99 -8.38
N ARG A 127 1.62 -20.96 -7.52
CA ARG A 127 0.90 -22.23 -7.53
C ARG A 127 -0.59 -22.05 -7.21
N ASN A 128 -0.95 -20.91 -6.65
CA ASN A 128 -2.33 -20.66 -6.23
C ASN A 128 -3.06 -19.62 -7.07
N ARG A 129 -2.54 -19.37 -8.27
CA ARG A 129 -3.13 -18.37 -9.15
C ARG A 129 -4.60 -18.62 -9.41
N ALA A 130 -4.93 -19.79 -9.95
CA ALA A 130 -6.32 -20.10 -10.27
C ALA A 130 -7.21 -20.08 -9.03
N ALA A 131 -6.69 -20.58 -7.92
CA ALA A 131 -7.44 -20.63 -6.69
C ALA A 131 -7.72 -19.21 -6.17
N PHE A 132 -6.77 -18.30 -6.37
CA PHE A 132 -6.96 -16.91 -5.95
C PHE A 132 -8.03 -16.23 -6.82
N CYS A 133 -7.95 -16.44 -8.14
CA CYS A 133 -8.97 -15.91 -9.02
C CYS A 133 -10.35 -16.36 -8.60
N ALA A 134 -10.48 -17.65 -8.29
CA ALA A 134 -11.77 -18.20 -7.91
C ALA A 134 -12.28 -17.55 -6.63
N PHE A 135 -11.38 -17.40 -5.66
CA PHE A 135 -11.73 -16.80 -4.39
C PHE A 135 -12.16 -15.35 -4.55
N VAL A 136 -11.38 -14.57 -5.29
CA VAL A 136 -11.70 -13.16 -5.44
C VAL A 136 -12.99 -12.95 -6.22
N LYS A 137 -13.22 -13.79 -7.24
CA LYS A 137 -14.48 -13.76 -7.97
C LYS A 137 -15.67 -13.99 -7.03
N THR A 138 -15.56 -15.02 -6.18
CA THR A 138 -16.62 -15.34 -5.23
C THR A 138 -16.82 -14.20 -4.24
N LEU A 139 -15.73 -13.64 -3.74
CA LEU A 139 -15.78 -12.59 -2.74
C LEU A 139 -16.42 -11.33 -3.31
N GLY A 140 -16.00 -10.95 -4.52
CA GLY A 140 -16.57 -9.77 -5.15
C GLY A 140 -18.05 -9.94 -5.39
N ASN A 141 -18.45 -11.11 -5.87
N ASN A 141 -18.42 -11.12 -5.84
CA ASN A 141 -19.87 -11.37 -6.10
CA ASN A 141 -19.81 -11.45 -6.09
C ASN A 141 -20.67 -11.29 -4.81
C ASN A 141 -20.65 -11.33 -4.82
N ALA A 142 -20.14 -11.88 -3.73
CA ALA A 142 -20.87 -11.90 -2.46
C ALA A 142 -21.01 -10.51 -1.87
N LEU A 143 -19.95 -9.71 -1.95
CA LEU A 143 -20.02 -8.35 -1.44
C LEU A 143 -21.01 -7.53 -2.25
N HIS A 144 -20.92 -7.63 -3.58
CA HIS A 144 -21.83 -6.89 -4.45
C HIS A 144 -23.29 -7.28 -4.19
N ALA A 145 -23.52 -8.57 -3.95
CA ALA A 145 -24.86 -9.06 -3.64
C ALA A 145 -25.41 -8.47 -2.34
N SER A 146 -24.52 -8.01 -1.47
CA SER A 146 -24.93 -7.36 -0.22
C SER A 146 -24.76 -5.84 -0.29
N ASN A 147 -24.67 -5.30 -1.50
CA ASN A 147 -24.57 -3.86 -1.72
C ASN A 147 -23.30 -3.26 -1.11
N LYS A 148 -22.22 -4.02 -1.20
CA LYS A 148 -20.91 -3.61 -0.69
C LYS A 148 -19.90 -3.65 -1.83
N LYS A 149 -18.79 -2.95 -1.66
CA LYS A 149 -17.75 -2.87 -2.69
C LYS A 149 -16.50 -3.67 -2.30
N LEU A 150 -15.67 -3.94 -3.28
CA LEU A 150 -14.43 -4.67 -3.06
C LEU A 150 -13.26 -3.92 -3.67
N ILE A 151 -12.25 -3.66 -2.86
CA ILE A 151 -10.99 -3.13 -3.34
C ILE A 151 -9.97 -4.24 -3.12
N ILE A 152 -9.04 -4.40 -4.07
CA ILE A 152 -7.95 -5.35 -3.87
C ILE A 152 -6.62 -4.59 -3.93
N SER A 153 -5.73 -4.90 -2.99
CA SER A 153 -4.38 -4.34 -2.98
C SER A 153 -3.45 -5.34 -3.65
N ILE A 154 -2.62 -4.85 -4.56
CA ILE A 154 -1.85 -5.71 -5.45
C ILE A 154 -0.35 -5.39 -5.35
N PRO A 155 0.48 -6.39 -5.01
CA PRO A 155 1.93 -6.20 -5.13
C PRO A 155 2.27 -6.07 -6.60
N PRO A 156 2.83 -4.93 -7.03
CA PRO A 156 2.88 -4.68 -8.48
C PRO A 156 3.88 -5.55 -9.21
N LYS A 157 3.45 -6.11 -10.33
CA LYS A 157 4.37 -6.83 -11.20
C LYS A 157 4.69 -6.04 -12.46
N LEU A 158 5.71 -6.49 -13.18
CA LEU A 158 6.21 -5.78 -14.35
C LEU A 158 5.43 -6.10 -15.63
N SER A 159 4.96 -7.34 -15.72
CA SER A 159 4.35 -7.81 -16.97
C SER A 159 3.60 -9.10 -16.71
N ASP A 160 3.03 -9.67 -17.77
CA ASP A 160 2.33 -10.95 -17.68
C ASP A 160 3.25 -12.08 -17.23
N THR A 161 4.56 -11.87 -17.33
CA THR A 161 5.50 -12.94 -17.04
C THR A 161 6.55 -12.59 -15.98
N GLU A 162 6.71 -11.31 -15.68
CA GLU A 162 7.75 -10.87 -14.76
C GLU A 162 7.24 -10.00 -13.61
N PRO A 163 7.75 -10.22 -12.39
CA PRO A 163 8.64 -11.33 -12.03
C PRO A 163 7.84 -12.61 -11.87
N GLU A 164 8.51 -13.76 -11.93
CA GLU A 164 7.82 -15.02 -11.84
C GLU A 164 7.11 -15.17 -10.49
N TYR A 165 7.70 -14.64 -9.42
CA TYR A 165 7.15 -14.89 -8.09
C TYR A 165 5.81 -14.20 -7.85
N LEU A 166 5.43 -13.29 -8.75
CA LEU A 166 4.15 -12.58 -8.60
C LEU A 166 3.08 -13.07 -9.55
N GLN A 167 3.31 -14.20 -10.19
CA GLN A 167 2.34 -14.65 -11.18
C GLN A 167 1.12 -15.37 -10.58
N GLY A 168 1.01 -15.33 -9.25
CA GLY A 168 -0.22 -15.75 -8.61
C GLY A 168 -1.33 -14.73 -8.77
N TYR A 169 -0.98 -13.54 -9.26
CA TYR A 169 -1.92 -12.43 -9.46
C TYR A 169 -2.29 -12.21 -10.91
N ASP A 170 -3.50 -12.62 -11.28
CA ASP A 170 -4.02 -12.45 -12.63
C ASP A 170 -4.69 -11.07 -12.72
N TYR A 171 -3.96 -10.08 -13.25
CA TYR A 171 -4.49 -8.71 -13.29
C TYR A 171 -5.85 -8.63 -13.97
N LYS A 172 -5.99 -9.28 -15.11
CA LYS A 172 -7.23 -9.20 -15.87
C LYS A 172 -8.41 -9.74 -15.08
N ALA A 173 -8.28 -10.95 -14.54
CA ALA A 173 -9.36 -11.57 -13.80
C ALA A 173 -9.66 -10.82 -12.49
N LEU A 174 -8.60 -10.46 -11.77
CA LEU A 174 -8.80 -9.74 -10.51
C LEU A 174 -9.45 -8.38 -10.77
N GLY A 175 -8.99 -7.69 -11.81
CA GLY A 175 -9.56 -6.40 -12.17
C GLY A 175 -11.05 -6.48 -12.44
N ALA A 176 -11.48 -7.56 -13.10
CA ALA A 176 -12.89 -7.72 -13.46
C ALA A 176 -13.77 -7.90 -12.22
N ALA A 177 -13.21 -8.47 -11.16
CA ALA A 177 -13.99 -8.84 -9.98
C ALA A 177 -14.14 -7.71 -8.96
N VAL A 178 -13.32 -6.68 -9.08
CA VAL A 178 -13.27 -5.65 -8.05
C VAL A 178 -13.80 -4.29 -8.52
N ASP A 179 -14.09 -3.42 -7.55
CA ASP A 179 -14.41 -2.03 -7.85
C ASP A 179 -13.18 -1.16 -8.03
N TYR A 180 -12.18 -1.38 -7.20
CA TYR A 180 -10.91 -0.68 -7.35
C TYR A 180 -9.75 -1.65 -7.22
N PHE A 181 -8.72 -1.39 -8.04
CA PHE A 181 -7.54 -2.23 -8.16
C PHE A 181 -6.39 -1.35 -7.70
N GLN A 182 -5.99 -1.52 -6.45
CA GLN A 182 -5.02 -0.65 -5.78
C GLN A 182 -3.63 -1.21 -5.97
N VAL A 183 -2.79 -0.46 -6.68
CA VAL A 183 -1.46 -0.93 -7.00
C VAL A 183 -0.48 -0.39 -5.97
N MSE A 184 0.16 -1.30 -5.24
CA MSE A 184 1.03 -0.91 -4.12
C MSE A 184 2.40 -0.45 -4.60
O MSE A 184 3.42 -1.10 -4.39
CB MSE A 184 1.18 -2.08 -3.15
CG MSE A 184 -0.14 -2.46 -2.52
SE MSE A 184 0.00 -3.75 -1.11
CE MSE A 184 0.48 -5.26 -2.12
N THR A 185 2.40 0.71 -5.28
CA THR A 185 3.62 1.28 -5.81
C THR A 185 4.43 2.00 -4.73
N TYR A 186 4.97 1.21 -3.81
CA TYR A 186 5.93 1.68 -2.82
C TYR A 186 6.79 0.50 -2.42
N ASP A 187 7.83 0.77 -1.65
CA ASP A 187 8.86 -0.21 -1.29
C ASP A 187 9.68 -0.68 -2.50
N GLN A 188 9.95 0.23 -3.42
CA GLN A 188 10.79 -0.10 -4.57
C GLN A 188 12.20 -0.46 -4.11
N VAL A 189 12.79 0.42 -3.31
CA VAL A 189 14.15 0.21 -2.79
C VAL A 189 14.11 0.42 -1.28
N GLY A 190 14.90 -0.34 -0.57
CA GLY A 190 15.02 -0.15 0.86
C GLY A 190 16.33 -0.72 1.34
N PRO A 191 16.56 -0.69 2.67
CA PRO A 191 17.80 -1.25 3.22
C PRO A 191 17.85 -2.76 3.00
N GLY A 192 18.56 -3.17 1.96
CA GLY A 192 18.70 -4.59 1.64
C GLY A 192 18.10 -5.02 0.31
N TRP A 193 17.32 -4.16 -0.34
CA TRP A 193 16.64 -4.59 -1.56
C TRP A 193 16.47 -3.47 -2.58
N SER A 194 16.35 -3.86 -3.83
CA SER A 194 16.10 -2.94 -4.93
C SER A 194 15.35 -3.72 -6.01
N SER A 195 14.12 -3.35 -6.29
CA SER A 195 13.18 -4.17 -7.05
CA SER A 195 13.29 -4.25 -7.08
C SER A 195 13.09 -3.86 -8.54
N GLY A 196 12.61 -4.84 -9.30
CA GLY A 196 12.17 -4.63 -10.65
C GLY A 196 13.19 -4.33 -11.73
N GLY A 197 14.47 -4.42 -11.41
CA GLY A 197 15.52 -4.11 -12.37
C GLY A 197 15.77 -2.62 -12.53
N PHE A 198 15.12 -1.80 -11.71
CA PHE A 198 15.30 -0.35 -11.75
C PHE A 198 16.47 0.09 -10.87
N HIS A 199 16.91 1.33 -11.01
CA HIS A 199 17.94 1.90 -10.14
C HIS A 199 19.21 1.05 -10.15
N ASN A 200 19.48 0.40 -11.29
CA ASN A 200 20.63 -0.50 -11.44
C ASN A 200 20.72 -1.54 -10.32
N GLU A 201 19.54 -1.98 -9.86
CA GLU A 201 19.36 -2.90 -8.73
C GLU A 201 20.19 -2.56 -7.48
N ALA A 202 20.37 -1.26 -7.25
CA ALA A 202 21.17 -0.74 -6.14
C ALA A 202 20.28 -0.25 -5.01
N TRP A 203 20.81 -0.32 -3.79
CA TRP A 203 20.30 0.46 -2.67
C TRP A 203 21.51 1.19 -2.07
N PRO A 204 21.30 2.36 -1.43
CA PRO A 204 20.07 3.14 -1.22
C PRO A 204 19.41 3.60 -2.51
N GLY A 205 18.13 3.92 -2.42
CA GLY A 205 17.38 4.39 -3.58
C GLY A 205 15.98 4.76 -3.17
N PRO A 206 15.12 5.02 -4.16
CA PRO A 206 13.79 5.57 -3.92
C PRO A 206 12.77 4.61 -3.31
N GLU A 207 11.97 5.14 -2.40
CA GLU A 207 10.85 4.40 -1.86
C GLU A 207 9.82 4.08 -2.97
N SER A 208 9.58 5.05 -3.85
CA SER A 208 8.61 4.89 -4.93
C SER A 208 9.03 5.76 -6.10
N GLY A 209 9.91 5.24 -6.94
CA GLY A 209 10.47 6.04 -8.02
C GLY A 209 9.50 6.33 -9.13
N PHE A 210 9.65 7.49 -9.77
CA PHE A 210 8.74 7.87 -10.86
C PHE A 210 8.78 6.89 -12.03
N ASP A 211 9.99 6.54 -12.48
CA ASP A 211 10.14 5.66 -13.62
C ASP A 211 9.53 4.28 -13.33
N TRP A 212 9.78 3.81 -12.13
CA TRP A 212 9.25 2.53 -11.66
C TRP A 212 7.71 2.56 -11.60
N GLN A 213 7.15 3.60 -10.98
CA GLN A 213 5.69 3.75 -10.95
C GLN A 213 5.11 3.77 -12.35
N GLN A 214 5.71 4.56 -13.22
CA GLN A 214 5.19 4.70 -14.57
C GLN A 214 5.13 3.34 -15.28
N ALA A 215 6.17 2.54 -15.14
CA ALA A 215 6.18 1.21 -15.76
C ALA A 215 5.11 0.31 -15.17
N LEU A 216 5.02 0.29 -13.85
CA LEU A 216 4.08 -0.61 -13.19
C LEU A 216 2.63 -0.23 -13.47
N LEU A 217 2.34 1.07 -13.47
CA LEU A 217 0.97 1.53 -13.71
C LEU A 217 0.60 1.41 -15.18
N SER A 218 1.58 1.58 -16.07
CA SER A 218 1.35 1.39 -17.50
C SER A 218 0.98 -0.06 -17.75
N TYR A 219 1.65 -0.98 -17.08
CA TYR A 219 1.27 -2.37 -17.22
C TYR A 219 -0.15 -2.61 -16.64
N ALA A 220 -0.43 -2.04 -15.47
CA ALA A 220 -1.74 -2.23 -14.84
C ALA A 220 -2.88 -1.84 -15.77
N VAL A 221 -2.80 -0.66 -16.38
CA VAL A 221 -3.90 -0.21 -17.23
C VAL A 221 -4.03 -0.97 -18.55
N SER A 222 -3.00 -1.72 -18.91
CA SER A 222 -3.07 -2.57 -20.09
C SER A 222 -3.88 -3.86 -19.82
N ARG A 223 -4.18 -4.13 -18.55
CA ARG A 223 -4.91 -5.35 -18.17
C ARG A 223 -6.19 -5.10 -17.38
N VAL A 224 -6.28 -3.90 -16.79
CA VAL A 224 -7.40 -3.51 -15.94
C VAL A 224 -7.90 -2.17 -16.45
N PRO A 225 -9.23 -1.98 -16.53
CA PRO A 225 -9.74 -0.68 -16.98
C PRO A 225 -9.14 0.44 -16.12
N ALA A 226 -8.59 1.45 -16.78
CA ALA A 226 -7.82 2.47 -16.07
C ALA A 226 -8.63 3.15 -14.96
N SER A 227 -9.94 3.29 -15.17
CA SER A 227 -10.81 3.94 -14.19
C SER A 227 -10.90 3.18 -12.86
N LYS A 228 -10.52 1.90 -12.87
CA LYS A 228 -10.47 1.12 -11.63
C LYS A 228 -9.11 1.17 -10.93
N VAL A 229 -8.08 1.59 -11.66
CA VAL A 229 -6.72 1.49 -11.13
C VAL A 229 -6.38 2.67 -10.24
N LEU A 230 -5.86 2.37 -9.05
CA LEU A 230 -5.34 3.42 -8.16
C LEU A 230 -3.82 3.31 -8.08
N ALA A 231 -3.15 4.43 -8.29
CA ALA A 231 -1.72 4.53 -7.97
C ALA A 231 -1.51 4.45 -6.46
N GLY A 232 -0.27 4.32 -6.04
CA GLY A 232 0.05 4.27 -4.63
C GLY A 232 1.19 5.21 -4.28
N LEU A 233 1.08 5.84 -3.11
CA LEU A 233 2.14 6.72 -2.62
C LEU A 233 2.45 6.38 -1.18
N PRO A 234 3.73 6.39 -0.82
CA PRO A 234 4.13 6.24 0.59
C PRO A 234 4.24 7.61 1.27
N THR A 235 3.89 7.66 2.55
CA THR A 235 4.19 8.83 3.37
C THR A 235 5.34 8.50 4.30
N TYR A 236 6.25 7.65 3.81
CA TYR A 236 7.43 7.29 4.57
C TYR A 236 8.60 7.12 3.62
N GLY A 237 9.80 7.18 4.18
CA GLY A 237 11.04 7.00 3.45
C GLY A 237 11.98 6.15 4.27
N GLN A 238 13.25 6.14 3.89
CA GLN A 238 14.22 5.26 4.52
C GLN A 238 15.45 6.02 4.96
N ASP A 239 15.79 5.86 6.23
CA ASP A 239 17.00 6.43 6.78
C ASP A 239 18.02 5.31 6.79
N TYR A 240 18.97 5.37 5.85
CA TYR A 240 19.92 4.29 5.67
C TYR A 240 21.03 4.28 6.71
N SER A 241 21.06 5.29 7.57
CA SER A 241 22.04 5.31 8.66
C SER A 241 21.61 4.38 9.80
N ILE A 242 20.31 4.12 9.89
CA ILE A 242 19.77 3.24 10.93
C ILE A 242 18.99 2.06 10.36
N GLY A 243 18.80 2.05 9.05
CA GLY A 243 18.15 0.93 8.39
C GLY A 243 16.66 0.85 8.70
N ASN A 244 16.06 1.99 9.02
CA ASN A 244 14.63 2.01 9.34
CA ASN A 244 14.65 2.03 9.39
C ASN A 244 13.83 3.04 8.58
N ARG A 245 12.54 2.75 8.48
CA ARG A 245 11.57 3.66 7.90
CA ARG A 245 11.55 3.64 7.91
C ARG A 245 11.46 4.91 8.75
N VAL A 246 11.25 6.05 8.09
CA VAL A 246 10.91 7.27 8.80
C VAL A 246 9.71 7.95 8.15
N HIS A 247 8.94 8.67 8.95
CA HIS A 247 7.70 9.25 8.48
C HIS A 247 7.91 10.58 7.79
N TRP A 248 7.03 10.88 6.84
CA TRP A 248 6.99 12.16 6.14
C TRP A 248 7.11 13.33 7.11
N SER A 249 6.40 13.27 8.23
CA SER A 249 6.40 14.37 9.17
C SER A 249 7.79 14.65 9.75
N ALA A 250 8.67 13.64 9.70
CA ALA A 250 10.00 13.74 10.30
C ALA A 250 11.13 14.01 9.31
N TYR A 251 10.83 14.06 8.00
CA TYR A 251 11.90 14.19 7.01
C TYR A 251 12.76 15.42 7.26
N GLN A 252 12.13 16.57 7.46
CA GLN A 252 12.89 17.81 7.63
C GLN A 252 13.59 17.89 8.99
N GLU A 253 13.08 17.17 9.98
CA GLU A 253 13.74 17.08 11.28
C GLU A 253 15.06 16.33 11.13
N ILE A 254 15.02 15.22 10.40
CA ILE A 254 16.22 14.42 10.15
C ILE A 254 17.24 15.24 9.36
N ILE A 255 16.77 15.92 8.31
CA ILE A 255 17.62 16.79 7.52
C ILE A 255 18.26 17.89 8.39
N ALA A 256 17.45 18.54 9.23
CA ALA A 256 17.95 19.61 10.09
C ALA A 256 18.96 19.10 11.13
N GLU A 257 18.71 17.92 11.70
CA GLU A 257 19.58 17.35 12.73
C GLU A 257 20.97 17.07 12.17
N HIS A 258 20.99 16.56 10.93
CA HIS A 258 22.24 16.15 10.32
C HIS A 258 22.87 17.23 9.44
N ARG A 259 22.23 18.40 9.38
CA ARG A 259 22.64 19.47 8.47
C ARG A 259 22.87 18.89 7.08
N ALA A 260 21.93 18.06 6.63
CA ALA A 260 22.12 17.27 5.43
C ALA A 260 22.05 18.10 4.15
N ALA A 261 22.74 17.64 3.13
CA ALA A 261 22.71 18.27 1.82
C ALA A 261 21.65 17.61 0.95
N ILE A 262 20.67 18.39 0.54
CA ILE A 262 19.58 17.86 -0.28
C ILE A 262 20.00 17.70 -1.75
N HIS A 263 19.64 16.55 -2.32
CA HIS A 263 19.96 16.22 -3.71
C HIS A 263 18.71 15.57 -4.31
N ARG A 264 18.74 15.26 -5.59
CA ARG A 264 17.59 14.63 -6.20
C ARG A 264 18.03 13.71 -7.33
N ASP A 265 17.32 12.59 -7.50
CA ASP A 265 17.65 11.64 -8.55
C ASP A 265 16.73 11.83 -9.75
N ALA A 266 17.31 12.00 -10.93
CA ALA A 266 16.54 12.32 -12.12
C ALA A 266 15.55 11.23 -12.53
N ALA A 267 16.03 10.00 -12.69
CA ALA A 267 15.15 8.95 -13.22
C ALA A 267 13.98 8.67 -12.30
N SER A 268 14.24 8.67 -10.99
CA SER A 268 13.18 8.37 -10.03
C SER A 268 12.41 9.62 -9.60
N ALA A 269 12.89 10.80 -9.99
CA ALA A 269 12.31 12.08 -9.53
C ALA A 269 12.10 12.12 -8.01
N THR A 270 13.10 11.64 -7.26
CA THR A 270 12.98 11.46 -5.81
C THR A 270 14.14 12.15 -5.13
N PRO A 271 13.84 12.94 -4.08
CA PRO A 271 14.92 13.63 -3.35
C PRO A 271 15.59 12.71 -2.34
N TYR A 272 16.86 13.02 -2.05
CA TYR A 272 17.57 12.34 -1.00
C TYR A 272 18.51 13.34 -0.34
N ALA A 273 18.83 13.11 0.92
CA ALA A 273 19.65 14.06 1.66
C ALA A 273 20.80 13.33 2.32
N THR A 274 22.02 13.83 2.13
CA THR A 274 23.22 13.14 2.59
C THR A 274 23.96 13.92 3.66
N TRP A 275 24.66 13.21 4.54
CA TRP A 275 25.52 13.89 5.51
C TRP A 275 26.89 13.23 5.59
N GLY A 276 27.28 12.60 4.49
CA GLY A 276 28.61 12.05 4.33
C GLY A 276 28.66 11.36 2.98
N PRO A 277 29.83 10.82 2.64
CA PRO A 277 29.96 10.00 1.43
C PRO A 277 29.04 8.77 1.53
N VAL A 278 28.45 8.38 0.40
CA VAL A 278 27.54 7.24 0.36
C VAL A 278 28.07 6.16 -0.59
N LYS A 279 28.10 4.92 -0.10
CA LYS A 279 28.43 3.77 -0.93
C LYS A 279 27.15 3.00 -1.22
N SER A 280 27.06 2.41 -2.40
CA SER A 280 25.88 1.63 -2.76
C SER A 280 26.13 0.13 -2.76
N PHE A 281 25.05 -0.60 -2.46
CA PHE A 281 25.06 -2.05 -2.46
C PHE A 281 24.02 -2.52 -3.43
N VAL A 282 23.81 -3.82 -3.51
CA VAL A 282 22.90 -4.37 -4.50
C VAL A 282 21.76 -5.12 -3.84
N ASP A 283 20.69 -5.31 -4.60
CA ASP A 283 19.56 -6.12 -4.17
C ASP A 283 20.02 -7.46 -3.61
N GLY A 284 19.55 -7.80 -2.41
CA GLY A 284 19.91 -9.06 -1.78
C GLY A 284 21.11 -9.02 -0.86
N VAL A 285 21.85 -7.91 -0.88
CA VAL A 285 22.87 -7.65 0.12
C VAL A 285 22.19 -6.94 1.27
N GLU A 286 22.11 -7.60 2.42
CA GLU A 286 21.34 -7.08 3.54
C GLU A 286 21.96 -5.81 4.11
N TRP A 287 21.11 -4.93 4.63
CA TRP A 287 21.60 -3.82 5.44
C TRP A 287 22.17 -4.38 6.73
N THR A 288 23.30 -3.82 7.15
CA THR A 288 23.88 -4.14 8.45
C THR A 288 24.43 -2.82 9.01
N PRO A 289 24.67 -2.76 10.32
CA PRO A 289 25.30 -1.55 10.86
C PRO A 289 26.60 -1.18 10.14
N GLU A 290 27.39 -2.18 9.78
CA GLU A 290 28.63 -1.95 9.06
C GLU A 290 28.40 -1.33 7.69
N ARG A 291 27.24 -1.62 7.09
CA ARG A 291 26.90 -1.13 5.77
C ARG A 291 26.04 0.14 5.79
N ALA A 292 25.81 0.70 6.99
CA ALA A 292 24.98 1.90 7.12
C ALA A 292 25.53 3.07 6.32
N GLN A 293 24.63 3.86 5.74
CA GLN A 293 25.03 4.98 4.88
C GLN A 293 24.35 6.27 5.35
N PRO A 294 25.07 7.40 5.29
CA PRO A 294 24.54 8.67 5.81
C PRO A 294 23.62 9.35 4.81
N VAL A 295 22.47 8.73 4.56
CA VAL A 295 21.53 9.26 3.58
C VAL A 295 20.09 8.89 3.93
N LEU A 296 19.22 9.86 3.72
CA LEU A 296 17.78 9.68 3.80
C LEU A 296 17.21 9.78 2.40
N TRP A 297 16.46 8.76 1.97
CA TRP A 297 15.69 8.86 0.73
C TRP A 297 14.25 9.14 1.15
N TYR A 298 13.67 10.18 0.58
CA TYR A 298 12.39 10.69 1.07
C TYR A 298 11.53 11.21 -0.10
N ASP A 299 10.53 12.04 0.22
CA ASP A 299 9.73 12.72 -0.80
C ASP A 299 9.46 14.13 -0.30
N ASP A 300 9.14 15.02 -1.23
CA ASP A 300 8.76 16.38 -0.89
C ASP A 300 7.65 16.85 -1.81
N ALA A 301 7.29 18.12 -1.73
CA ALA A 301 6.18 18.61 -2.51
C ALA A 301 6.40 18.38 -4.00
N ALA A 302 7.62 18.62 -4.46
CA ALA A 302 7.94 18.47 -5.87
C ALA A 302 7.81 17.01 -6.32
N SER A 303 8.30 16.07 -5.52
CA SER A 303 8.26 14.68 -5.96
C SER A 303 6.85 14.09 -5.89
N ILE A 304 6.09 14.48 -4.88
CA ILE A 304 4.71 14.01 -4.77
C ILE A 304 3.88 14.58 -5.93
N LYS A 305 4.08 15.85 -6.26
CA LYS A 305 3.37 16.46 -7.38
C LYS A 305 3.68 15.73 -8.69
N THR A 306 4.97 15.51 -8.94
CA THR A 306 5.41 14.85 -10.17
C THR A 306 4.85 13.43 -10.29
N LYS A 307 4.93 12.67 -9.21
CA LYS A 307 4.44 11.29 -9.22
C LYS A 307 2.92 11.22 -9.37
N THR A 308 2.21 12.13 -8.72
CA THR A 308 0.76 12.12 -8.75
C THR A 308 0.21 12.51 -10.14
N ALA A 309 1.03 13.21 -10.92
CA ALA A 309 0.66 13.54 -12.30
C ALA A 309 0.38 12.29 -13.14
N LEU A 310 0.89 11.14 -12.71
CA LEU A 310 0.60 9.90 -13.42
C LEU A 310 -0.88 9.54 -13.43
N VAL A 311 -1.63 10.00 -12.43
CA VAL A 311 -3.07 9.77 -12.40
C VAL A 311 -3.73 10.35 -13.64
N THR A 312 -3.40 11.60 -13.95
CA THR A 312 -3.92 12.25 -15.16
C THR A 312 -3.35 11.63 -16.43
N ARG A 313 -2.03 11.42 -16.44
CA ARG A 313 -1.32 10.96 -17.62
C ARG A 313 -1.84 9.62 -18.12
N LEU A 314 -2.15 8.73 -17.18
CA LEU A 314 -2.56 7.37 -17.51
C LEU A 314 -4.06 7.17 -17.36
N GLY A 315 -4.79 8.24 -17.03
CA GLY A 315 -6.23 8.16 -16.89
C GLY A 315 -6.69 7.25 -15.76
N LEU A 316 -5.93 7.23 -14.68
CA LEU A 316 -6.24 6.34 -13.54
C LEU A 316 -7.50 6.80 -12.81
N GLY A 317 -8.11 5.88 -12.08
CA GLY A 317 -9.28 6.19 -11.28
C GLY A 317 -8.94 7.01 -10.05
N GLY A 318 -7.67 7.04 -9.66
CA GLY A 318 -7.29 7.81 -8.50
C GLY A 318 -5.98 7.33 -7.91
N THR A 319 -5.82 7.55 -6.62
CA THR A 319 -4.58 7.19 -5.96
C THR A 319 -4.86 6.77 -4.53
N SER A 320 -3.82 6.25 -3.89
CA SER A 320 -3.96 5.67 -2.56
C SER A 320 -2.69 5.96 -1.78
N VAL A 321 -2.81 5.99 -0.45
CA VAL A 321 -1.72 6.47 0.39
C VAL A 321 -1.51 5.53 1.58
N TRP A 322 -0.30 4.98 1.71
CA TRP A 322 0.09 4.29 2.95
C TRP A 322 1.17 5.13 3.62
N ALA A 323 0.92 5.71 4.80
CA ALA A 323 -0.32 5.64 5.55
C ALA A 323 -0.67 7.02 6.11
N MSE A 324 -1.95 7.25 6.31
CA MSE A 324 -2.39 8.38 7.10
C MSE A 324 -2.00 8.13 8.55
O MSE A 324 -2.27 7.06 9.11
CB MSE A 324 -3.90 8.58 6.95
CG MSE A 324 -4.47 9.69 7.82
SE MSE A 324 -6.21 10.28 7.25
CE MSE A 324 -5.72 11.29 5.67
N GLY A 325 -1.34 9.13 9.13
CA GLY A 325 -0.71 9.00 10.43
C GLY A 325 0.78 9.27 10.39
N TYR A 326 1.38 9.27 9.20
CA TYR A 326 2.82 9.53 9.06
C TYR A 326 3.10 10.92 8.52
N GLU A 327 2.05 11.60 8.07
CA GLU A 327 2.19 12.77 7.20
C GLU A 327 1.76 14.07 7.88
N ASN A 328 1.74 15.16 7.12
CA ASN A 328 1.26 16.44 7.61
C ASN A 328 0.49 17.16 6.50
N ALA A 329 0.07 18.41 6.75
CA ALA A 329 -0.73 19.13 5.77
C ALA A 329 -0.02 19.29 4.43
N GLY A 330 1.30 19.46 4.47
CA GLY A 330 2.07 19.66 3.27
C GLY A 330 2.00 18.49 2.31
N PHE A 331 1.88 17.27 2.83
CA PHE A 331 1.73 16.10 1.97
C PHE A 331 0.45 16.22 1.13
N TRP A 332 -0.67 16.51 1.79
CA TRP A 332 -1.94 16.58 1.08
C TRP A 332 -2.01 17.75 0.09
N ALA A 333 -1.40 18.88 0.45
CA ALA A 333 -1.32 20.01 -0.47
C ALA A 333 -0.56 19.61 -1.72
N ALA A 334 0.54 18.88 -1.53
CA ALA A 334 1.34 18.45 -2.69
C ALA A 334 0.58 17.46 -3.55
N LEU A 335 -0.11 16.51 -2.91
CA LEU A 335 -0.92 15.53 -3.64
C LEU A 335 -1.98 16.23 -4.48
N GLN A 336 -2.71 17.17 -3.88
CA GLN A 336 -3.75 17.89 -4.63
C GLN A 336 -3.15 18.67 -5.79
N SER A 337 -1.94 19.21 -5.60
CA SER A 337 -1.29 19.99 -6.66
C SER A 337 -0.97 19.11 -7.88
N GLY A 338 -0.82 17.81 -7.65
CA GLY A 338 -0.56 16.88 -8.73
C GLY A 338 -1.80 16.35 -9.41
N LEU A 339 -2.94 16.43 -8.72
CA LEU A 339 -4.21 15.95 -9.27
C LEU A 339 -4.89 16.99 -10.12
N LYS A 340 -4.58 18.25 -9.85
CA LYS A 340 -5.30 19.39 -10.43
C LYS A 340 -5.35 19.36 -11.96
NI NI B . 5.29 9.66 13.18
NI NI C . 20.01 10.47 12.46
NI NI D . 23.45 14.75 -8.82
C1 GOL E . 1.78 -4.20 8.40
O1 GOL E . 2.34 -2.98 7.97
C2 GOL E . 0.27 -4.17 8.18
O2 GOL E . -0.20 -2.87 8.45
C3 GOL E . -0.41 -5.14 9.11
O3 GOL E . -0.26 -4.70 10.46
CL CL F . -9.27 -16.45 -14.81
CD CD G . -7.14 -16.29 -13.45
#